data_6ORJ
#
_entry.id   6ORJ
#
_cell.length_a   82.595
_cell.length_b   82.595
_cell.length_c   345.930
_cell.angle_alpha   90.00
_cell.angle_beta   90.00
_cell.angle_gamma   120.00
#
_symmetry.space_group_name_H-M   'P 63 2 2'
#
loop_
_entity.id
_entity.type
_entity.pdbx_description
1 polymer PHIKZ164
2 non-polymer 'CHLORIDE ION'
3 non-polymer 1,2-ETHANEDIOL
4 non-polymer 'SODIUM ION'
5 water water
#
_entity_poly.entity_id   1
_entity_poly.type   'polypeptide(L)'
_entity_poly.pdbx_seq_one_letter_code
;(MSE)DEAVSLLSN(MSE)QDSEIQTSEFRLWSIGRATENKPRNSFTL(MSE)VLPIESATATDGETTFNPVEEVVDGVD
ADGRAYTTKVSVSRDIPCIWLPNEDNRATPPDV(MSE)RGEKIAIYRLGDTSQFYWRS(MSE)GLSNDLRTLESVVYTFN
ASLSPGGAGKNFDTCYF(MSE)QFSAHDKHVTIGTSKANGEPYRYSVQINTGTGAVYILDDIGNRFELVSKDKRL(MSE)
L(MSE)NADNSFVKVEKKAIDLNADQYIKLTSGGSTLELNPTEFKVNTTNTTIKSSGTHIQEAGGT(MSE)THKAGGN
(MSE)LFTAPRYDFT
;
_entity_poly.pdbx_strand_id   A
#
# COMPACT_ATOMS: atom_id res chain seq x y z
N ILE A 16 6.00 43.58 -30.83
CA ILE A 16 6.25 42.69 -29.71
C ILE A 16 5.66 41.32 -29.99
N GLN A 17 6.52 40.36 -30.35
CA GLN A 17 6.08 39.02 -30.64
C GLN A 17 5.51 38.35 -29.39
N THR A 18 4.29 37.83 -29.51
CA THR A 18 3.64 37.07 -28.45
C THR A 18 2.93 35.89 -29.09
N SER A 19 2.94 34.75 -28.39
CA SER A 19 2.31 33.55 -28.93
C SER A 19 0.81 33.76 -29.13
N GLU A 20 0.28 33.14 -30.19
CA GLU A 20 -1.17 33.13 -30.39
C GLU A 20 -1.90 32.33 -29.32
N PHE A 21 -1.19 31.51 -28.56
CA PHE A 21 -1.78 30.72 -27.48
C PHE A 21 -1.66 31.54 -26.20
N ARG A 22 -2.79 32.00 -25.67
CA ARG A 22 -2.78 32.93 -24.55
C ARG A 22 -3.97 32.67 -23.64
N LEU A 23 -3.88 33.21 -22.43
CA LEU A 23 -5.02 33.25 -21.51
C LEU A 23 -6.10 34.12 -22.13
N TRP A 24 -7.22 33.51 -22.52
CA TRP A 24 -8.27 34.18 -23.27
C TRP A 24 -9.31 34.84 -22.37
N SER A 25 -9.66 34.19 -21.26
CA SER A 25 -10.60 34.76 -20.31
C SER A 25 -10.56 33.95 -19.03
N ILE A 26 -10.71 34.64 -17.90
CA ILE A 26 -11.03 33.95 -16.65
C ILE A 26 -12.47 33.44 -16.75
N GLY A 27 -12.73 32.27 -16.17
CA GLY A 27 -14.05 31.68 -16.25
C GLY A 27 -14.43 30.98 -14.96
N ARG A 28 -15.65 30.44 -14.98
CA ARG A 28 -16.20 29.65 -13.88
CA ARG A 28 -16.19 29.65 -13.88
C ARG A 28 -16.65 28.31 -14.42
N ALA A 29 -16.28 27.23 -13.74
CA ALA A 29 -16.78 25.91 -14.13
C ALA A 29 -18.28 25.85 -13.91
N THR A 30 -19.01 25.40 -14.93
CA THR A 30 -20.46 25.33 -14.81
C THR A 30 -20.95 24.00 -14.27
N GLU A 31 -20.11 22.97 -14.27
CA GLU A 31 -20.50 21.64 -13.83
C GLU A 31 -19.35 20.99 -13.08
N ASN A 32 -19.69 20.04 -12.21
CA ASN A 32 -18.68 19.18 -11.62
C ASN A 32 -18.07 18.32 -12.71
N LYS A 33 -16.76 18.37 -12.86
CA LYS A 33 -16.09 17.54 -13.85
C LYS A 33 -16.33 16.06 -13.52
N PRO A 34 -16.81 15.26 -14.47
CA PRO A 34 -16.93 13.82 -14.21
C PRO A 34 -15.55 13.23 -14.00
N ARG A 35 -15.48 12.23 -13.11
CA ARG A 35 -14.19 11.73 -12.65
C ARG A 35 -13.29 11.34 -13.81
N ASN A 36 -13.82 10.59 -14.78
CA ASN A 36 -13.01 10.05 -15.86
C ASN A 36 -13.00 10.93 -17.10
N SER A 37 -13.20 12.24 -16.95
CA SER A 37 -13.28 13.15 -18.08
C SER A 37 -12.15 14.17 -18.04
N PHE A 38 -11.66 14.53 -19.23
CA PHE A 38 -10.70 15.61 -19.39
C PHE A 38 -11.36 16.90 -19.85
N THR A 39 -12.60 16.85 -20.33
CA THR A 39 -13.32 18.03 -20.77
C THR A 39 -14.00 18.70 -19.58
N LEU A 40 -14.01 20.03 -19.59
CA LEU A 40 -14.68 20.82 -18.56
C LEU A 40 -15.48 21.93 -19.23
N VAL A 42 -16.87 25.43 -19.20
CA VAL A 42 -16.46 26.66 -18.52
C VAL A 42 -17.22 27.83 -19.11
N LEU A 43 -17.70 28.71 -18.22
CA LEU A 43 -18.35 29.95 -18.62
C LEU A 43 -17.35 31.09 -18.51
N PRO A 44 -17.00 31.78 -19.60
CA PRO A 44 -16.16 32.98 -19.47
C PRO A 44 -16.90 34.09 -18.74
N ILE A 45 -16.20 34.77 -17.84
CA ILE A 45 -16.82 35.79 -17.01
C ILE A 45 -16.21 37.17 -17.23
N GLU A 46 -15.39 37.34 -18.27
CA GLU A 46 -14.84 38.64 -18.61
C GLU A 46 -15.71 39.28 -19.67
N SER A 47 -16.01 40.57 -19.49
CA SER A 47 -17.04 41.24 -20.28
C SER A 47 -16.75 41.16 -21.78
N ALA A 48 -15.48 41.23 -22.15
CA ALA A 48 -15.10 41.17 -23.55
C ALA A 48 -15.27 39.75 -24.10
N SER A 81 -24.44 26.74 -26.20
CA SER A 81 -24.92 27.84 -25.36
C SER A 81 -23.75 28.70 -24.87
N ARG A 82 -23.88 29.22 -23.65
CA ARG A 82 -22.86 30.10 -23.09
C ARG A 82 -21.62 29.35 -22.61
N ASP A 83 -21.73 28.05 -22.31
CA ASP A 83 -20.59 27.28 -21.84
C ASP A 83 -19.65 26.98 -23.00
N ILE A 84 -18.40 26.70 -22.66
CA ILE A 84 -17.36 26.34 -23.62
C ILE A 84 -16.80 24.98 -23.23
N PRO A 85 -16.83 23.98 -24.12
CA PRO A 85 -16.11 22.73 -23.84
C PRO A 85 -14.61 22.90 -24.00
N CYS A 86 -13.88 22.83 -22.89
CA CYS A 86 -12.45 23.08 -22.88
C CYS A 86 -11.68 21.79 -22.64
N ILE A 87 -10.47 21.71 -23.22
CA ILE A 87 -9.56 20.59 -23.04
C ILE A 87 -8.65 20.89 -21.86
N TRP A 88 -8.30 19.85 -21.10
CA TRP A 88 -7.46 20.03 -19.93
C TRP A 88 -6.06 20.53 -20.29
N LEU A 89 -5.63 21.59 -19.63
CA LEU A 89 -4.24 22.05 -19.69
C LEU A 89 -3.62 21.87 -18.31
N PRO A 90 -2.68 20.95 -18.13
CA PRO A 90 -2.17 20.67 -16.78
C PRO A 90 -1.37 21.81 -16.20
N ASN A 91 -1.48 21.96 -14.88
CA ASN A 91 -0.62 22.88 -14.14
C ASN A 91 0.79 22.33 -13.95
N GLU A 92 0.97 21.02 -14.10
CA GLU A 92 2.22 20.37 -13.74
C GLU A 92 2.39 19.13 -14.60
N ASP A 93 3.62 18.69 -14.75
CA ASP A 93 3.91 17.44 -15.42
C ASP A 93 3.72 16.27 -14.45
N ASN A 94 3.72 15.06 -15.01
CA ASN A 94 3.62 13.81 -14.25
C ASN A 94 2.34 13.72 -13.44
N ARG A 95 1.31 14.47 -13.82
CA ARG A 95 -0.03 14.32 -13.25
C ARG A 95 -0.94 13.77 -14.34
N ALA A 96 -1.44 12.56 -14.13
CA ALA A 96 -2.24 11.87 -15.13
C ALA A 96 -3.72 12.24 -15.10
N THR A 97 -4.22 12.68 -13.96
CA THR A 97 -5.63 13.00 -13.81
C THR A 97 -5.82 14.51 -13.66
N PRO A 98 -6.81 15.08 -14.36
CA PRO A 98 -7.15 16.50 -14.13
C PRO A 98 -7.73 16.68 -12.75
N PRO A 99 -7.64 17.89 -12.19
CA PRO A 99 -8.25 18.14 -10.87
C PRO A 99 -9.76 17.85 -10.90
N ASP A 100 -10.27 17.39 -9.76
CA ASP A 100 -11.69 17.07 -9.61
C ASP A 100 -12.48 18.36 -9.39
N VAL A 101 -12.58 19.14 -10.47
CA VAL A 101 -13.11 20.49 -10.39
C VAL A 101 -14.60 20.47 -10.07
N ARG A 103 -18.33 22.68 -9.61
CA ARG A 103 -19.02 23.83 -10.20
C ARG A 103 -18.70 25.10 -9.42
N GLY A 104 -18.37 26.16 -10.15
CA GLY A 104 -18.10 27.44 -9.54
C GLY A 104 -16.64 27.77 -9.30
N GLU A 105 -15.74 26.83 -9.54
CA GLU A 105 -14.31 27.12 -9.37
C GLU A 105 -13.83 28.10 -10.44
N LYS A 106 -12.91 28.98 -10.04
CA LYS A 106 -12.31 29.89 -10.99
C LYS A 106 -11.40 29.12 -11.94
N ILE A 107 -11.61 29.31 -13.24
CA ILE A 107 -10.89 28.59 -14.28
C ILE A 107 -10.26 29.62 -15.22
N ALA A 108 -9.03 29.35 -15.64
CA ALA A 108 -8.37 30.14 -16.68
C ALA A 108 -8.61 29.46 -18.03
N ILE A 109 -9.25 30.17 -18.95
CA ILE A 109 -9.54 29.64 -20.28
C ILE A 109 -8.47 30.12 -21.24
N TYR A 110 -7.71 29.18 -21.80
CA TYR A 110 -6.75 29.47 -22.84
C TYR A 110 -7.35 29.18 -24.21
N ARG A 111 -6.89 29.91 -25.22
CA ARG A 111 -7.38 29.76 -26.58
C ARG A 111 -6.23 29.95 -27.56
N LEU A 112 -6.17 29.10 -28.58
CA LEU A 112 -5.20 29.22 -29.65
C LEU A 112 -5.77 30.14 -30.73
N GLY A 113 -5.26 31.36 -30.81
CA GLY A 113 -5.69 32.29 -31.84
C GLY A 113 -7.19 32.48 -31.85
N ASP A 114 -7.77 32.44 -33.04
CA ASP A 114 -9.21 32.54 -33.25
C ASP A 114 -9.86 31.18 -33.44
N THR A 115 -9.12 30.10 -33.26
CA THR A 115 -9.64 28.76 -33.51
C THR A 115 -10.62 28.36 -32.42
N SER A 116 -11.19 27.17 -32.56
CA SER A 116 -12.09 26.60 -31.58
C SER A 116 -11.37 25.76 -30.53
N GLN A 117 -10.04 25.85 -30.48
CA GLN A 117 -9.25 25.09 -29.51
C GLN A 117 -9.20 25.86 -28.20
N PHE A 118 -10.11 25.53 -27.29
CA PHE A 118 -10.14 26.11 -25.96
C PHE A 118 -9.59 25.12 -24.95
N TYR A 119 -8.85 25.63 -23.97
CA TYR A 119 -8.24 24.81 -22.93
C TYR A 119 -8.59 25.40 -21.58
N TRP A 120 -8.67 24.53 -20.57
CA TRP A 120 -8.98 24.95 -19.21
C TRP A 120 -7.85 24.59 -18.27
N ARG A 121 -7.51 25.52 -17.39
CA ARG A 121 -6.47 25.33 -16.40
C ARG A 121 -7.03 25.69 -15.03
N SER A 122 -6.96 24.74 -14.09
CA SER A 122 -7.33 25.04 -12.72
C SER A 122 -6.39 26.09 -12.14
N GLY A 124 -6.29 26.96 -8.80
CA GLY A 124 -5.94 26.69 -7.42
C GLY A 124 -6.43 27.74 -6.45
N LEU A 125 -7.42 28.54 -6.83
CA LEU A 125 -7.96 29.58 -5.98
C LEU A 125 -9.32 29.20 -5.39
N SER A 126 -9.80 27.99 -5.64
CA SER A 126 -11.13 27.56 -5.23
C SER A 126 -11.06 26.21 -4.54
N ASN A 127 -10.00 25.97 -3.76
CA ASN A 127 -9.80 24.66 -3.15
C ASN A 127 -10.91 24.33 -2.15
N ASP A 128 -11.46 25.34 -1.48
CA ASP A 128 -12.51 25.11 -0.50
C ASP A 128 -13.79 24.54 -1.10
N LEU A 129 -13.88 24.45 -2.42
CA LEU A 129 -15.03 23.83 -3.06
C LEU A 129 -14.86 22.34 -3.27
N ARG A 130 -13.63 21.81 -3.13
CA ARG A 130 -13.36 20.42 -3.43
C ARG A 130 -14.14 19.49 -2.51
N THR A 131 -14.65 18.39 -3.08
CA THR A 131 -15.35 17.38 -2.32
C THR A 131 -14.50 16.12 -2.33
N LEU A 132 -14.80 15.14 -3.15
CA LEU A 132 -13.97 13.94 -3.26
C LEU A 132 -12.92 14.16 -4.34
N GLU A 133 -11.68 13.81 -4.03
CA GLU A 133 -10.58 13.99 -4.96
C GLU A 133 -9.83 12.67 -5.17
N SER A 134 -9.49 12.39 -6.42
CA SER A 134 -8.61 11.29 -6.77
C SER A 134 -7.56 11.81 -7.73
N VAL A 135 -6.29 11.69 -7.35
CA VAL A 135 -5.17 12.24 -8.09
C VAL A 135 -4.15 11.14 -8.31
N VAL A 136 -3.67 11.00 -9.55
CA VAL A 136 -2.66 10.00 -9.89
C VAL A 136 -1.45 10.71 -10.49
N TYR A 137 -0.30 10.55 -9.85
CA TYR A 137 0.97 11.00 -10.40
C TYR A 137 1.69 9.81 -11.00
N THR A 138 2.08 9.93 -12.27
CA THR A 138 2.68 8.82 -12.99
C THR A 138 4.10 9.16 -13.43
N PHE A 139 4.93 8.12 -13.47
CA PHE A 139 6.33 8.26 -13.85
C PHE A 139 6.67 7.05 -14.72
N ASN A 140 6.68 7.27 -16.03
CA ASN A 140 6.73 6.16 -16.96
C ASN A 140 8.06 5.41 -16.87
N ALA A 141 8.00 4.10 -17.04
CA ALA A 141 9.14 3.21 -16.82
C ALA A 141 9.19 2.15 -17.91
N SER A 142 9.11 2.59 -19.16
CA SER A 142 9.21 1.69 -20.31
C SER A 142 10.05 2.37 -21.39
N LEU A 143 10.84 1.57 -22.09
CA LEU A 143 11.61 2.10 -23.21
C LEU A 143 10.69 2.50 -24.36
N SER A 144 9.64 1.75 -24.59
CA SER A 144 8.76 2.26 -25.63
C SER A 144 7.72 3.22 -25.02
N PRO A 145 7.40 4.29 -25.71
CA PRO A 145 6.40 5.24 -25.20
C PRO A 145 4.99 4.70 -25.39
N GLY A 146 4.01 5.52 -25.00
CA GLY A 146 2.62 5.17 -25.19
C GLY A 146 1.89 4.84 -23.91
N GLY A 147 2.43 3.89 -23.14
CA GLY A 147 1.81 3.46 -21.90
C GLY A 147 1.51 1.97 -21.88
N ASN A 151 -3.42 2.68 -17.00
CA ASN A 151 -3.57 1.31 -16.53
C ASN A 151 -2.40 0.91 -15.63
N PHE A 152 -1.43 1.81 -15.51
CA PHE A 152 -0.29 1.70 -14.59
C PHE A 152 0.62 0.53 -14.90
N ASP A 153 0.48 -0.11 -16.07
CA ASP A 153 1.30 -1.27 -16.40
C ASP A 153 2.71 -0.91 -16.84
N THR A 154 2.96 0.34 -17.20
CA THR A 154 4.28 0.74 -17.70
C THR A 154 4.85 1.93 -16.94
N CYS A 155 4.37 2.20 -15.72
CA CYS A 155 4.81 3.36 -14.98
C CYS A 155 4.87 3.06 -13.48
N TYR A 156 5.77 3.76 -12.81
CA TYR A 156 5.68 3.90 -11.36
C TYR A 156 4.69 5.03 -11.06
N PHE A 157 3.99 4.91 -9.93
CA PHE A 157 2.94 5.89 -9.69
C PHE A 157 2.68 6.06 -8.20
N GLN A 159 -0.90 7.36 -6.02
CA GLN A 159 -2.31 7.66 -6.20
C GLN A 159 -2.96 7.95 -4.85
N PHE A 160 -3.59 9.13 -4.74
CA PHE A 160 -4.47 9.47 -3.63
C PHE A 160 -5.89 9.44 -4.16
N SER A 161 -6.70 8.48 -3.72
CA SER A 161 -8.07 8.34 -4.19
C SER A 161 -9.03 8.33 -3.01
N ALA A 162 -9.75 9.44 -2.83
CA ALA A 162 -10.89 9.43 -1.91
C ALA A 162 -12.04 8.62 -2.47
N HIS A 163 -12.22 8.63 -3.81
CA HIS A 163 -13.32 7.90 -4.42
C HIS A 163 -13.22 6.41 -4.14
N ASP A 164 -12.03 5.84 -4.32
CA ASP A 164 -11.81 4.41 -4.13
C ASP A 164 -11.19 4.09 -2.78
N LYS A 165 -10.91 5.10 -1.96
CA LYS A 165 -10.52 4.93 -0.56
C LYS A 165 -9.21 4.15 -0.42
N HIS A 166 -8.16 4.72 -1.00
CA HIS A 166 -6.82 4.18 -0.81
C HIS A 166 -5.78 5.22 -1.18
N VAL A 167 -4.59 5.06 -0.62
CA VAL A 167 -3.38 5.78 -1.04
C VAL A 167 -2.36 4.71 -1.39
N THR A 168 -1.82 4.78 -2.61
CA THR A 168 -1.02 3.69 -3.13
C THR A 168 0.21 4.22 -3.86
N ILE A 169 1.36 3.63 -3.56
CA ILE A 169 2.57 3.79 -4.36
C ILE A 169 2.87 2.45 -5.01
N GLY A 170 2.90 2.43 -6.33
CA GLY A 170 3.10 1.18 -7.06
C GLY A 170 4.15 1.31 -8.13
N THR A 171 4.76 0.17 -8.45
CA THR A 171 5.78 0.08 -9.49
C THR A 171 5.36 -0.95 -10.54
N SER A 172 6.06 -0.91 -11.66
CA SER A 172 5.72 -1.72 -12.84
C SER A 172 6.88 -2.62 -13.23
N LYS A 173 6.58 -3.54 -14.14
CA LYS A 173 7.52 -4.55 -14.62
C LYS A 173 7.75 -4.43 -16.11
N ALA A 174 7.81 -3.20 -16.62
CA ALA A 174 7.90 -2.95 -18.06
C ALA A 174 9.32 -2.74 -18.55
N ASN A 175 10.32 -2.71 -17.66
CA ASN A 175 11.69 -2.39 -18.05
C ASN A 175 12.70 -3.37 -17.42
N GLY A 176 12.33 -4.63 -17.27
CA GLY A 176 13.22 -5.62 -16.73
C GLY A 176 13.14 -5.82 -15.23
N GLU A 177 12.28 -5.07 -14.54
CA GLU A 177 12.10 -5.28 -13.11
C GLU A 177 11.61 -6.71 -12.87
N PRO A 178 12.18 -7.43 -11.91
CA PRO A 178 11.73 -8.81 -11.66
C PRO A 178 10.41 -8.90 -10.90
N TYR A 179 10.07 -7.86 -10.12
CA TYR A 179 8.87 -7.89 -9.29
C TYR A 179 8.19 -6.53 -9.31
N ARG A 180 6.88 -6.55 -9.13
CA ARG A 180 6.09 -5.34 -8.91
C ARG A 180 5.83 -5.17 -7.42
N TYR A 181 5.62 -3.93 -7.00
CA TYR A 181 5.43 -3.62 -5.59
C TYR A 181 4.29 -2.64 -5.42
N SER A 182 3.70 -2.67 -4.23
CA SER A 182 2.66 -1.74 -3.85
C SER A 182 2.81 -1.43 -2.37
N VAL A 183 2.80 -0.14 -2.03
CA VAL A 183 2.66 0.32 -0.66
C VAL A 183 1.32 1.04 -0.61
N GLN A 184 0.34 0.41 0.06
CA GLN A 184 -1.03 0.87 -0.01
C GLN A 184 -1.59 1.09 1.38
N ILE A 185 -2.21 2.24 1.59
CA ILE A 185 -3.11 2.49 2.71
C ILE A 185 -4.52 2.25 2.19
N ASN A 186 -5.12 1.13 2.54
CA ASN A 186 -6.49 0.83 2.12
C ASN A 186 -7.43 1.36 3.20
N THR A 187 -8.01 2.54 2.95
CA THR A 187 -8.90 3.15 3.93
C THR A 187 -10.32 2.58 3.86
N GLY A 188 -10.65 1.84 2.81
CA GLY A 188 -11.95 1.21 2.71
C GLY A 188 -12.08 0.03 3.65
N THR A 189 -11.23 -0.99 3.46
CA THR A 189 -11.23 -2.13 4.36
C THR A 189 -10.55 -1.82 5.67
N GLY A 190 -9.58 -0.92 5.67
CA GLY A 190 -8.88 -0.56 6.88
C GLY A 190 -7.57 -1.32 7.04
N ALA A 191 -6.55 -0.96 6.27
CA ALA A 191 -5.31 -1.73 6.30
C ALA A 191 -4.18 -0.95 5.66
N VAL A 192 -2.96 -1.31 6.05
CA VAL A 192 -1.74 -0.87 5.38
C VAL A 192 -1.01 -2.12 4.89
N TYR A 193 -0.68 -2.15 3.60
CA TYR A 193 0.00 -3.28 2.99
C TYR A 193 1.33 -2.86 2.39
N ILE A 194 2.32 -3.73 2.53
CA ILE A 194 3.58 -3.66 1.78
C ILE A 194 3.77 -5.03 1.16
N LEU A 195 3.68 -5.11 -0.16
CA LEU A 195 3.63 -6.41 -0.81
C LEU A 195 4.26 -6.36 -2.18
N ASP A 196 4.69 -7.53 -2.66
CA ASP A 196 5.11 -7.71 -4.03
C ASP A 196 4.02 -8.49 -4.77
N ASP A 197 4.35 -9.02 -5.94
CA ASP A 197 3.37 -9.75 -6.75
C ASP A 197 3.62 -11.26 -6.75
N ILE A 198 4.26 -11.78 -5.69
CA ILE A 198 4.46 -13.23 -5.57
C ILE A 198 4.06 -13.77 -4.21
N GLY A 199 3.55 -12.93 -3.29
CA GLY A 199 2.99 -13.42 -2.06
C GLY A 199 3.68 -12.95 -0.79
N ASN A 200 4.77 -12.19 -0.90
CA ASN A 200 5.41 -11.62 0.27
C ASN A 200 4.69 -10.34 0.67
N ARG A 201 4.45 -10.19 1.97
CA ARG A 201 3.51 -9.17 2.43
C ARG A 201 3.78 -8.80 3.88
N PHE A 202 3.86 -7.50 4.13
CA PHE A 202 3.64 -6.94 5.46
C PHE A 202 2.20 -6.43 5.53
N GLU A 203 1.58 -6.58 6.70
CA GLU A 203 0.16 -6.35 6.84
C GLU A 203 -0.12 -5.67 8.17
N LEU A 204 -0.87 -4.58 8.15
CA LEU A 204 -1.52 -4.01 9.32
C LEU A 204 -3.01 -3.97 9.01
N VAL A 205 -3.79 -4.82 9.67
CA VAL A 205 -5.24 -4.90 9.45
C VAL A 205 -5.93 -4.54 10.75
N SER A 206 -6.70 -3.45 10.73
CA SER A 206 -7.15 -2.82 11.96
C SER A 206 -8.32 -3.55 12.61
N LYS A 207 -9.33 -3.94 11.85
CA LYS A 207 -10.50 -4.57 12.46
C LYS A 207 -10.16 -5.90 13.12
N ASP A 208 -9.11 -6.56 12.64
CA ASP A 208 -8.65 -7.80 13.24
C ASP A 208 -7.50 -7.60 14.21
N LYS A 209 -7.04 -6.35 14.40
CA LYS A 209 -5.92 -6.05 15.27
C LYS A 209 -4.72 -6.93 14.92
N ARG A 210 -4.41 -7.00 13.63
CA ARG A 210 -3.40 -7.90 13.12
C ARG A 210 -2.25 -7.13 12.49
N LEU A 211 -1.03 -7.43 12.93
CA LEU A 211 0.18 -7.11 12.20
C LEU A 211 0.85 -8.43 11.84
N LEU A 213 3.93 -10.57 9.22
CA LEU A 213 5.01 -10.73 8.24
C LEU A 213 4.75 -12.05 7.55
N ASN A 215 5.37 -14.46 3.96
CA ASN A 215 6.12 -14.64 2.73
C ASN A 215 5.39 -15.61 1.80
N ALA A 216 5.96 -15.77 0.60
CA ALA A 216 5.35 -16.57 -0.47
C ALA A 216 5.27 -18.06 -0.15
N ASP A 217 6.00 -18.55 0.86
CA ASP A 217 5.95 -19.95 1.24
C ASP A 217 5.05 -20.21 2.44
N ASN A 218 4.21 -19.24 2.82
CA ASN A 218 3.28 -19.32 3.95
C ASN A 218 3.98 -19.37 5.30
N SER A 219 5.28 -19.07 5.35
CA SER A 219 5.89 -18.78 6.64
C SER A 219 5.42 -17.42 7.12
N PHE A 220 5.06 -17.31 8.40
CA PHE A 220 4.57 -16.03 8.88
C PHE A 220 4.79 -15.85 10.38
N VAL A 221 4.85 -14.58 10.77
CA VAL A 221 4.82 -14.14 12.17
C VAL A 221 3.57 -13.29 12.32
N LYS A 222 2.56 -13.82 13.00
CA LYS A 222 1.25 -13.19 13.06
C LYS A 222 0.98 -12.68 14.47
N VAL A 223 0.68 -11.39 14.58
CA VAL A 223 0.28 -10.78 15.84
C VAL A 223 -1.18 -10.34 15.72
N GLU A 224 -2.10 -11.20 16.14
CA GLU A 224 -3.53 -10.97 15.95
C GLU A 224 -4.24 -10.98 17.29
N LYS A 225 -4.85 -9.85 17.65
CA LYS A 225 -5.55 -9.65 18.92
C LYS A 225 -4.64 -10.03 20.09
N LYS A 226 -5.07 -10.99 20.91
CA LYS A 226 -4.32 -11.37 22.11
C LYS A 226 -3.45 -12.59 21.88
N ALA A 227 -3.18 -12.95 20.63
CA ALA A 227 -2.43 -14.15 20.31
C ALA A 227 -1.34 -13.87 19.29
N ILE A 228 -0.23 -14.58 19.43
CA ILE A 228 0.88 -14.53 18.47
C ILE A 228 1.06 -15.94 17.91
N ASP A 229 1.12 -16.03 16.58
CA ASP A 229 1.26 -17.31 15.90
C ASP A 229 2.45 -17.24 14.96
N LEU A 230 3.39 -18.16 15.12
CA LEU A 230 4.50 -18.34 14.18
C LEU A 230 4.30 -19.65 13.44
N ASN A 231 4.58 -19.64 12.15
CA ASN A 231 4.40 -20.83 11.32
C ASN A 231 5.47 -20.88 10.25
N ALA A 232 6.07 -22.05 10.07
CA ALA A 232 7.09 -22.26 9.04
C ALA A 232 7.20 -23.76 8.80
N ASP A 233 7.16 -24.15 7.53
CA ASP A 233 7.07 -25.57 7.18
C ASP A 233 8.39 -26.30 7.37
N GLN A 234 9.53 -25.61 7.29
CA GLN A 234 10.79 -26.31 7.47
C GLN A 234 11.23 -26.33 8.93
N TYR A 235 11.35 -25.15 9.55
CA TYR A 235 11.69 -25.09 10.96
C TYR A 235 11.41 -23.70 11.50
N ILE A 236 11.33 -23.60 12.82
CA ILE A 236 11.38 -22.34 13.55
C ILE A 236 12.50 -22.46 14.57
N LYS A 237 13.47 -21.56 14.51
CA LYS A 237 14.66 -21.67 15.35
C LYS A 237 14.90 -20.37 16.10
N LEU A 238 15.16 -20.49 17.41
CA LEU A 238 15.55 -19.38 18.25
C LEU A 238 17.02 -19.55 18.61
N THR A 239 17.81 -18.49 18.44
CA THR A 239 19.24 -18.54 18.71
C THR A 239 19.63 -17.37 19.62
N SER A 240 20.34 -17.69 20.69
CA SER A 240 20.86 -16.69 21.62
C SER A 240 22.23 -17.18 22.08
N GLY A 241 23.29 -16.58 21.55
CA GLY A 241 24.62 -17.07 21.84
C GLY A 241 24.78 -18.48 21.32
N GLY A 242 25.29 -19.37 22.17
CA GLY A 242 25.41 -20.77 21.80
C GLY A 242 24.15 -21.59 21.97
N SER A 243 23.10 -21.02 22.54
CA SER A 243 21.88 -21.76 22.83
C SER A 243 20.93 -21.70 21.63
N THR A 244 20.31 -22.83 21.32
CA THR A 244 19.34 -22.92 20.24
C THR A 244 18.10 -23.66 20.73
N LEU A 245 16.95 -23.23 20.21
CA LEU A 245 15.69 -23.93 20.37
C LEU A 245 15.06 -24.03 18.99
N GLU A 246 14.76 -25.24 18.55
CA GLU A 246 14.22 -25.45 17.21
C GLU A 246 12.94 -26.27 17.27
N LEU A 247 11.97 -25.89 16.44
CA LEU A 247 10.77 -26.68 16.22
C LEU A 247 10.66 -26.96 14.72
N ASN A 248 10.55 -28.24 14.37
CA ASN A 248 10.41 -28.64 12.97
C ASN A 248 9.38 -29.77 12.90
N PRO A 249 8.92 -30.17 11.69
CA PRO A 249 7.79 -31.12 11.60
C PRO A 249 7.91 -32.39 12.44
N THR A 250 9.12 -32.80 12.80
CA THR A 250 9.31 -34.03 13.55
C THR A 250 10.06 -33.86 14.86
N GLU A 251 10.50 -32.66 15.21
CA GLU A 251 11.38 -32.50 16.35
C GLU A 251 11.06 -31.26 17.15
N PHE A 252 11.34 -31.35 18.46
CA PHE A 252 11.52 -30.19 19.33
C PHE A 252 12.89 -30.36 19.98
N LYS A 253 13.83 -29.49 19.62
CA LYS A 253 15.24 -29.64 20.01
C LYS A 253 15.70 -28.42 20.78
N VAL A 254 16.33 -28.65 21.93
CA VAL A 254 16.98 -27.60 22.70
C VAL A 254 18.43 -28.01 22.92
N ASN A 255 19.36 -27.11 22.60
CA ASN A 255 20.78 -27.34 22.81
C ASN A 255 21.34 -26.11 23.51
N THR A 256 21.57 -26.21 24.82
CA THR A 256 21.97 -25.06 25.63
C THR A 256 22.98 -25.53 26.67
N THR A 257 23.30 -24.65 27.61
CA THR A 257 24.18 -24.99 28.72
C THR A 257 23.39 -25.52 29.92
N ASN A 258 22.45 -24.73 30.44
CA ASN A 258 21.68 -25.09 31.61
C ASN A 258 20.19 -24.97 31.31
N THR A 259 19.42 -26.01 31.65
CA THR A 259 17.99 -26.04 31.42
C THR A 259 17.25 -26.04 32.74
N THR A 260 16.26 -25.15 32.87
CA THR A 260 15.43 -25.04 34.06
C THR A 260 13.98 -24.97 33.63
N ILE A 261 13.18 -25.94 34.05
CA ILE A 261 11.76 -26.01 33.73
C ILE A 261 11.00 -26.03 35.04
N LYS A 262 10.44 -24.89 35.44
CA LYS A 262 9.72 -24.75 36.70
C LYS A 262 8.23 -24.63 36.43
N SER A 263 7.45 -25.50 37.07
CA SER A 263 5.99 -25.49 37.00
C SER A 263 5.45 -25.34 38.40
N SER A 264 4.72 -24.25 38.65
CA SER A 264 4.08 -24.09 39.95
C SER A 264 3.00 -25.14 40.17
N GLY A 265 2.47 -25.72 39.10
CA GLY A 265 1.50 -26.78 39.20
C GLY A 265 2.08 -28.14 38.84
N THR A 266 1.65 -28.72 37.72
CA THR A 266 2.01 -30.08 37.37
C THR A 266 2.97 -30.10 36.19
N HIS A 267 3.78 -31.15 36.14
CA HIS A 267 4.71 -31.40 35.05
C HIS A 267 4.42 -32.77 34.47
N ILE A 268 4.18 -32.83 33.15
CA ILE A 268 3.87 -34.07 32.46
C ILE A 268 4.75 -34.14 31.21
N GLN A 269 5.52 -35.22 31.09
CA GLN A 269 6.21 -35.53 29.86
C GLN A 269 5.86 -36.96 29.46
N GLU A 270 5.34 -37.13 28.26
CA GLU A 270 4.85 -38.42 27.80
C GLU A 270 5.39 -38.70 26.41
N ALA A 271 5.90 -39.91 26.20
CA ALA A 271 6.43 -40.33 24.92
C ALA A 271 5.71 -41.59 24.45
N GLY A 272 5.35 -41.61 23.16
CA GLY A 272 4.76 -42.81 22.60
C GLY A 272 5.76 -43.95 22.51
N GLY A 273 7.01 -43.62 22.20
CA GLY A 273 8.10 -44.58 22.16
C GLY A 273 8.91 -44.55 23.43
N THR A 274 10.22 -44.63 23.28
CA THR A 274 11.12 -44.70 24.42
C THR A 274 11.37 -43.31 25.00
N THR A 276 14.48 -41.45 27.44
CA THR A 276 15.79 -41.61 28.05
C THR A 276 16.16 -40.38 28.86
N HIS A 277 16.69 -40.61 30.06
CA HIS A 277 17.29 -39.57 30.89
C HIS A 277 18.77 -39.89 31.04
N LYS A 278 19.62 -38.96 30.65
CA LYS A 278 21.06 -39.18 30.70
C LYS A 278 21.73 -38.00 31.40
N ALA A 279 22.62 -38.29 32.34
CA ALA A 279 23.34 -37.26 33.08
C ALA A 279 24.79 -37.68 33.24
N GLY A 280 25.72 -36.80 32.86
CA GLY A 280 27.12 -37.07 33.10
C GLY A 280 27.49 -36.98 34.57
N GLY A 281 26.74 -36.18 35.33
CA GLY A 281 26.87 -36.14 36.77
C GLY A 281 25.76 -36.90 37.46
N ASN A 282 25.67 -36.69 38.76
CA ASN A 282 24.66 -37.39 39.56
C ASN A 282 23.26 -37.00 39.12
N LEU A 284 19.41 -36.71 40.34
CA LEU A 284 18.76 -36.49 41.63
C LEU A 284 17.25 -36.49 41.46
N PHE A 285 16.56 -37.20 42.36
CA PHE A 285 15.11 -37.22 42.42
C PHE A 285 14.68 -36.75 43.80
N THR A 286 13.75 -35.80 43.86
CA THR A 286 13.27 -35.24 45.11
C THR A 286 11.77 -35.11 45.04
N ALA A 287 11.07 -35.87 45.89
CA ALA A 287 9.61 -35.86 45.94
C ALA A 287 9.18 -36.58 47.23
N PRO A 288 7.98 -36.31 47.73
CA PRO A 288 7.52 -37.01 48.93
C PRO A 288 7.41 -38.52 48.74
N ARG A 289 7.13 -38.99 47.53
CA ARG A 289 7.11 -40.41 47.24
C ARG A 289 7.20 -40.61 45.73
N TYR A 290 7.70 -41.78 45.34
CA TYR A 290 7.93 -42.12 43.94
C TYR A 290 7.15 -43.39 43.60
N ASP A 291 6.51 -43.38 42.44
CA ASP A 291 5.61 -44.45 42.03
C ASP A 291 6.01 -44.95 40.65
N PHE A 292 6.24 -46.25 40.53
CA PHE A 292 6.59 -46.88 39.26
C PHE A 292 5.45 -47.82 38.87
N THR A 293 4.78 -47.48 37.77
CA THR A 293 3.64 -48.24 37.27
C THR A 293 4.11 -49.48 36.51
#